data_8GY9
#
_entry.id   8GY9
#
_cell.length_a   119.572
_cell.length_b   119.572
_cell.length_c   87.990
_cell.angle_alpha   90.000
_cell.angle_beta   90.000
_cell.angle_gamma   90.000
#
_symmetry.space_group_name_H-M   'P 42 21 2'
#
loop_
_entity.id
_entity.type
_entity.pdbx_description
1 polymer Methyltransferase
2 non-polymer S-ADENOSYLMETHIONINE
3 water water
#
_entity_poly.entity_id   1
_entity_poly.type   'polypeptide(L)'
_entity_poly.pdbx_seq_one_letter_code
;GPLGSEVYKGDGYKVWKLEPSLGDPLELGRKTKTEMNAMTHDEFDRMKYRGVVAEVYSGDKPSKGYDKLRVLLDLMDRPR
LGTTVDLCAGRGGWSELVKDLEGPKGITAVSLWERGKEEWMADPAIHRINANVKHLRPWQVDTLLFDGGEAFKRDQNLRK
EENFNDSLLDAVDAWMMQPVPPRNFVIKIQVPYTQKAIALLEKWQVKTGKGRLVRLAGDRLSNTVMYFLSVRLETQIRGR
VTTFVRELAERRKDRSLTADPSLQYERVEPQWTEEAR
;
_entity_poly.pdbx_strand_id   A,B
#
# COMPACT_ATOMS: atom_id res chain seq x y z
N PRO A 2 12.52 0.91 23.52
CA PRO A 2 11.40 0.16 22.94
C PRO A 2 10.31 1.11 22.46
N LEU A 3 10.31 1.44 21.18
CA LEU A 3 9.36 2.43 20.69
C LEU A 3 7.94 1.89 20.62
N GLY A 4 7.73 0.59 20.79
CA GLY A 4 6.40 0.05 21.01
C GLY A 4 5.42 0.39 19.91
N SER A 5 4.16 0.62 20.29
CA SER A 5 3.08 0.80 19.32
C SER A 5 3.31 2.00 18.40
N GLU A 6 4.20 2.93 18.75
CA GLU A 6 4.44 4.07 17.88
C GLU A 6 4.98 3.63 16.50
N VAL A 7 5.63 2.47 16.44
CA VAL A 7 6.13 1.96 15.16
C VAL A 7 4.98 1.84 14.16
N TYR A 8 3.77 1.55 14.65
CA TYR A 8 2.64 1.37 13.74
C TYR A 8 2.17 2.68 13.10
N LYS A 9 2.71 3.83 13.51
CA LYS A 9 2.34 5.04 12.81
C LYS A 9 3.46 5.53 11.90
N GLY A 10 4.40 4.66 11.57
CA GLY A 10 5.37 4.97 10.55
C GLY A 10 4.70 5.08 9.19
N ASP A 11 5.46 5.65 8.25
CA ASP A 11 4.97 5.86 6.89
C ASP A 11 4.77 4.53 6.16
N GLY A 12 5.63 3.55 6.42
CA GLY A 12 5.55 2.24 5.79
C GLY A 12 5.17 2.25 4.33
N TYR A 13 4.14 1.47 4.00
CA TYR A 13 3.59 1.40 2.65
C TYR A 13 2.61 2.51 2.34
N LYS A 14 2.49 3.53 3.20
CA LYS A 14 1.43 4.50 3.03
C LYS A 14 1.82 5.66 2.10
N VAL A 15 3.04 6.20 2.25
CA VAL A 15 3.46 7.37 1.49
C VAL A 15 4.94 7.25 1.18
N TRP A 16 5.35 7.95 0.11
CA TRP A 16 6.78 8.03 -0.22
C TRP A 16 7.55 8.74 0.89
N LYS A 17 8.80 8.33 1.08
CA LYS A 17 9.72 9.12 1.91
C LYS A 17 10.26 10.28 1.08
N LEU A 18 10.04 11.51 1.55
CA LEU A 18 10.49 12.70 0.83
C LEU A 18 11.35 13.53 1.78
N GLU A 19 12.66 13.46 1.59
CA GLU A 19 13.55 14.42 2.20
C GLU A 19 13.88 15.50 1.18
N PRO A 20 14.13 16.73 1.63
CA PRO A 20 14.31 17.83 0.68
C PRO A 20 15.62 17.69 -0.08
N SER A 21 15.63 18.22 -1.31
CA SER A 21 16.81 18.16 -2.15
C SER A 21 16.87 19.42 -2.99
N LEU A 22 18.04 19.65 -3.58
CA LEU A 22 18.30 20.83 -4.40
C LEU A 22 17.62 20.73 -5.76
N GLY A 23 17.21 21.89 -6.26
CA GLY A 23 16.61 21.94 -7.58
C GLY A 23 15.44 22.90 -7.66
N ASP A 24 15.03 23.25 -8.88
CA ASP A 24 13.86 24.05 -9.13
C ASP A 24 12.69 23.13 -9.41
N PRO A 25 11.67 23.06 -8.55
CA PRO A 25 10.59 22.08 -8.80
C PRO A 25 9.73 22.43 -10.01
N LEU A 26 9.54 23.71 -10.29
CA LEU A 26 8.76 24.12 -11.47
C LEU A 26 9.37 23.57 -12.74
N GLU A 27 10.68 23.73 -12.88
CA GLU A 27 11.38 23.30 -14.09
C GLU A 27 11.41 21.78 -14.20
N LEU A 28 11.62 21.07 -13.09
CA LEU A 28 11.61 19.61 -13.15
C LEU A 28 10.21 19.08 -13.45
N GLY A 29 9.19 19.72 -12.87
CA GLY A 29 7.81 19.31 -13.11
C GLY A 29 7.41 19.48 -14.56
N ARG A 30 7.72 20.66 -15.12
CA ARG A 30 7.47 20.87 -16.54
C ARG A 30 8.25 19.90 -17.41
N LYS A 31 9.48 19.57 -17.01
CA LYS A 31 10.27 18.66 -17.83
C LYS A 31 9.64 17.27 -17.87
N THR A 32 9.27 16.73 -16.71
CA THR A 32 8.67 15.39 -16.73
C THR A 32 7.26 15.38 -17.33
N LYS A 33 6.52 16.49 -17.20
CA LYS A 33 5.23 16.58 -17.90
C LYS A 33 5.44 16.57 -19.40
N THR A 34 6.41 17.33 -19.89
CA THR A 34 6.73 17.34 -21.31
C THR A 34 7.09 15.95 -21.81
N GLU A 35 7.93 15.23 -21.04
CA GLU A 35 8.28 13.88 -21.44
C GLU A 35 7.07 12.95 -21.38
N MET A 36 6.14 13.17 -20.45
CA MET A 36 4.96 12.32 -20.39
C MET A 36 4.05 12.58 -21.58
N ASN A 37 3.95 13.82 -22.04
CA ASN A 37 3.11 14.11 -23.19
C ASN A 37 3.66 13.48 -24.46
N ALA A 38 4.98 13.29 -24.54
CA ALA A 38 5.61 12.68 -25.71
C ALA A 38 5.58 11.17 -25.71
N MET A 39 5.19 10.55 -24.60
CA MET A 39 5.25 9.10 -24.50
C MET A 39 4.33 8.41 -25.50
N THR A 40 4.81 7.30 -26.07
CA THR A 40 3.98 6.49 -26.94
C THR A 40 2.84 5.85 -26.15
N HIS A 41 1.90 5.26 -26.89
CA HIS A 41 0.76 4.62 -26.27
C HIS A 41 1.21 3.52 -25.31
N ASP A 42 2.14 2.67 -25.78
CA ASP A 42 2.69 1.62 -24.92
C ASP A 42 3.38 2.20 -23.68
N GLU A 43 4.31 3.16 -23.88
CA GLU A 43 5.02 3.75 -22.74
C GLU A 43 4.05 4.31 -21.70
N PHE A 44 3.11 5.15 -22.15
CA PHE A 44 2.18 5.76 -21.23
C PHE A 44 1.35 4.70 -20.51
N ASP A 45 0.91 3.66 -21.22
CA ASP A 45 0.08 2.65 -20.60
C ASP A 45 0.86 1.85 -19.55
N ARG A 46 2.08 1.43 -19.91
CA ARG A 46 2.96 0.78 -18.93
C ARG A 46 3.09 1.61 -17.68
N MET A 47 3.14 2.92 -17.86
CA MET A 47 3.43 3.82 -16.76
C MET A 47 2.18 4.18 -15.95
N LYS A 48 0.99 3.96 -16.50
CA LYS A 48 -0.24 4.36 -15.82
C LYS A 48 -0.75 3.31 -14.85
N TYR A 49 -0.41 2.03 -15.05
CA TYR A 49 -0.67 1.01 -14.03
C TYR A 49 0.63 0.37 -13.54
N ASP A 60 -18.64 -2.99 -2.10
CA ASP A 60 -17.95 -1.99 -2.91
C ASP A 60 -18.31 -0.59 -2.42
N LYS A 61 -17.59 0.40 -2.92
CA LYS A 61 -17.64 1.76 -2.41
C LYS A 61 -18.09 2.73 -3.51
N PRO A 62 -18.48 3.96 -3.16
CA PRO A 62 -18.95 4.88 -4.21
C PRO A 62 -17.87 5.23 -5.21
N SER A 63 -16.60 5.05 -4.86
CA SER A 63 -15.48 5.32 -5.76
C SER A 63 -14.22 4.78 -5.10
N LYS A 64 -13.09 4.96 -5.79
CA LYS A 64 -11.81 4.61 -5.19
C LYS A 64 -11.33 5.67 -4.19
N GLY A 65 -11.98 6.82 -4.15
CA GLY A 65 -11.60 7.85 -3.20
C GLY A 65 -11.79 7.42 -1.76
N TYR A 66 -12.75 6.51 -1.52
CA TYR A 66 -13.04 6.01 -0.18
C TYR A 66 -11.77 5.47 0.49
N ASP A 67 -11.09 4.52 -0.17
CA ASP A 67 -9.95 3.87 0.44
C ASP A 67 -8.77 4.83 0.55
N LYS A 68 -8.62 5.73 -0.43
CA LYS A 68 -7.53 6.71 -0.35
C LYS A 68 -7.69 7.60 0.88
N LEU A 69 -8.89 8.19 1.05
CA LEU A 69 -9.11 9.00 2.23
C LEU A 69 -8.95 8.18 3.51
N ARG A 70 -9.28 6.88 3.47
CA ARG A 70 -9.05 6.07 4.66
C ARG A 70 -7.56 5.96 4.98
N VAL A 71 -6.74 5.73 3.95
CA VAL A 71 -5.30 5.75 4.16
C VAL A 71 -4.85 7.09 4.76
N LEU A 72 -5.29 8.19 4.15
CA LEU A 72 -4.83 9.50 4.61
C LEU A 72 -5.27 9.78 6.06
N LEU A 73 -6.49 9.42 6.42
CA LEU A 73 -6.97 9.67 7.79
C LEU A 73 -6.26 8.77 8.79
N ASP A 74 -5.91 7.55 8.39
CA ASP A 74 -5.10 6.71 9.25
C ASP A 74 -3.73 7.35 9.51
N LEU A 75 -3.08 7.86 8.47
CA LEU A 75 -1.87 8.65 8.67
C LEU A 75 -2.08 9.76 9.66
N MET A 76 -3.26 10.37 9.63
CA MET A 76 -3.56 11.47 10.53
C MET A 76 -3.94 11.00 11.91
N ASP A 77 -3.76 9.71 12.20
CA ASP A 77 -4.05 9.11 13.49
C ASP A 77 -5.55 9.07 13.78
N ARG A 78 -6.35 8.81 12.77
CA ARG A 78 -7.80 8.61 12.92
C ARG A 78 -8.46 9.70 13.76
N PRO A 79 -8.36 10.96 13.33
CA PRO A 79 -8.93 12.03 14.15
C PRO A 79 -10.45 12.03 14.09
N ARG A 80 -11.05 12.55 15.15
CA ARG A 80 -12.50 12.80 15.12
C ARG A 80 -12.77 13.99 14.21
N LEU A 81 -13.73 13.83 13.31
CA LEU A 81 -13.89 14.81 12.25
C LEU A 81 -14.92 15.90 12.55
N GLY A 82 -16.04 15.57 13.21
CA GLY A 82 -17.07 16.54 13.48
C GLY A 82 -17.61 17.19 12.21
N THR A 83 -17.98 18.46 12.33
CA THR A 83 -18.54 19.19 11.19
C THR A 83 -17.54 19.26 10.04
N THR A 84 -17.95 18.73 8.87
CA THR A 84 -17.07 18.49 7.75
C THR A 84 -17.64 19.05 6.45
N VAL A 85 -16.82 19.73 5.68
CA VAL A 85 -17.16 20.10 4.31
C VAL A 85 -16.26 19.33 3.34
N ASP A 86 -16.88 18.65 2.38
CA ASP A 86 -16.20 17.93 1.32
C ASP A 86 -16.35 18.76 0.04
N LEU A 87 -15.28 19.50 -0.31
CA LEU A 87 -15.26 20.31 -1.53
C LEU A 87 -14.85 19.47 -2.72
N CYS A 88 -15.56 19.66 -3.83
CA CYS A 88 -15.42 18.82 -5.04
C CYS A 88 -15.67 17.35 -4.70
N ALA A 89 -16.85 17.08 -4.15
CA ALA A 89 -17.13 15.75 -3.65
C ALA A 89 -17.35 14.72 -4.77
N GLY A 90 -17.80 15.16 -5.95
CA GLY A 90 -17.99 14.26 -7.07
C GLY A 90 -19.01 13.18 -6.75
N ARG A 91 -18.60 11.91 -6.90
CA ARG A 91 -19.48 10.80 -6.62
C ARG A 91 -19.67 10.56 -5.12
N GLY A 92 -18.82 11.13 -4.27
CA GLY A 92 -19.02 11.07 -2.84
C GLY A 92 -18.28 10.01 -2.06
N GLY A 93 -17.18 9.46 -2.59
CA GLY A 93 -16.44 8.46 -1.83
C GLY A 93 -15.94 8.99 -0.49
N TRP A 94 -15.36 10.19 -0.49
CA TRP A 94 -14.88 10.80 0.74
C TRP A 94 -16.02 11.04 1.72
N SER A 95 -17.10 11.67 1.24
CA SER A 95 -18.27 11.93 2.10
C SER A 95 -18.81 10.64 2.68
N GLU A 96 -18.82 9.56 1.88
CA GLU A 96 -19.32 8.28 2.35
C GLU A 96 -18.43 7.72 3.45
N LEU A 97 -17.12 7.88 3.31
CA LEU A 97 -16.25 7.43 4.39
C LEU A 97 -16.51 8.21 5.67
N VAL A 98 -16.74 9.53 5.56
CA VAL A 98 -17.04 10.31 6.75
C VAL A 98 -18.37 9.85 7.36
N LYS A 99 -19.35 9.52 6.51
CA LYS A 99 -20.63 9.00 7.00
C LYS A 99 -20.44 7.71 7.77
N ASP A 100 -19.72 6.74 7.19
CA ASP A 100 -19.40 5.48 7.89
C ASP A 100 -18.67 5.72 9.20
N LEU A 101 -17.79 6.72 9.26
CA LEU A 101 -17.04 6.91 10.50
C LEU A 101 -17.89 7.54 11.61
N GLU A 102 -18.77 8.50 11.26
CA GLU A 102 -19.39 9.33 12.29
C GLU A 102 -20.85 9.68 12.01
N GLY A 103 -21.49 9.08 11.01
CA GLY A 103 -22.86 9.38 10.68
C GLY A 103 -22.94 10.51 9.66
N PRO A 104 -24.10 10.71 9.07
CA PRO A 104 -24.22 11.70 7.98
C PRO A 104 -24.46 13.13 8.41
N LYS A 105 -24.76 13.39 9.69
CA LYS A 105 -25.29 14.70 10.10
C LYS A 105 -24.27 15.83 9.93
N GLY A 106 -22.98 15.54 10.10
CA GLY A 106 -22.01 16.61 10.07
C GLY A 106 -21.43 16.96 8.72
N ILE A 107 -21.83 16.30 7.64
CA ILE A 107 -21.20 16.45 6.35
C ILE A 107 -22.02 17.40 5.48
N THR A 108 -21.30 18.23 4.71
CA THR A 108 -21.85 18.94 3.57
C THR A 108 -20.95 18.63 2.39
N ALA A 109 -21.52 18.08 1.33
CA ALA A 109 -20.79 17.82 0.09
C ALA A 109 -21.07 18.95 -0.90
N VAL A 110 -20.01 19.49 -1.49
CA VAL A 110 -20.10 20.54 -2.50
C VAL A 110 -19.44 20.05 -3.78
N SER A 111 -20.16 20.14 -4.89
CA SER A 111 -19.64 19.69 -6.17
C SER A 111 -20.47 20.29 -7.30
N LEU A 112 -20.07 20.07 -8.53
CA LEU A 112 -20.81 20.51 -9.67
C LEU A 112 -21.36 19.24 -10.31
N TRP A 113 -22.64 18.99 -10.16
CA TRP A 113 -23.22 17.78 -10.72
C TRP A 113 -24.19 17.95 -11.90
N GLU A 114 -23.86 17.33 -13.02
CA GLU A 114 -24.71 17.33 -14.20
C GLU A 114 -23.98 16.85 -15.43
N GLU A 118 -20.78 13.37 -13.42
CA GLU A 118 -20.79 12.74 -12.10
C GLU A 118 -22.20 12.68 -11.54
N GLU A 119 -22.60 11.50 -11.08
CA GLU A 119 -23.83 11.32 -10.34
C GLU A 119 -23.48 10.93 -8.91
N TRP A 120 -24.26 11.42 -7.96
CA TRP A 120 -24.00 11.10 -6.57
C TRP A 120 -24.17 9.60 -6.35
N MET A 121 -23.11 8.94 -5.91
CA MET A 121 -23.10 7.52 -5.67
C MET A 121 -23.05 7.18 -4.19
N ALA A 122 -23.11 8.16 -3.31
CA ALA A 122 -23.00 7.93 -1.88
C ALA A 122 -24.38 8.07 -1.25
N ASP A 123 -24.42 7.92 0.07
CA ASP A 123 -25.66 7.98 0.82
C ASP A 123 -26.41 9.29 0.52
N PRO A 124 -27.68 9.23 0.13
CA PRO A 124 -28.41 10.47 -0.20
C PRO A 124 -28.83 11.29 1.02
N ALA A 125 -28.82 10.73 2.24
CA ALA A 125 -29.03 11.53 3.43
C ALA A 125 -27.95 12.59 3.63
N ILE A 126 -26.78 12.40 3.05
CA ILE A 126 -25.71 13.39 3.14
C ILE A 126 -26.14 14.68 2.44
N HIS A 127 -26.02 15.80 3.14
CA HIS A 127 -26.41 17.08 2.57
C HIS A 127 -25.45 17.50 1.47
N ARG A 128 -26.02 17.96 0.37
CA ARG A 128 -25.27 18.30 -0.84
C ARG A 128 -25.62 19.70 -1.31
N ILE A 129 -24.62 20.43 -1.79
CA ILE A 129 -24.83 21.72 -2.43
C ILE A 129 -24.22 21.65 -3.82
N ASN A 130 -25.05 21.91 -4.82
CA ASN A 130 -24.66 21.84 -6.23
C ASN A 130 -24.13 23.20 -6.62
N ALA A 131 -22.82 23.40 -6.45
CA ALA A 131 -22.23 24.71 -6.64
C ALA A 131 -20.76 24.61 -7.04
N ASN A 132 -20.25 25.71 -7.59
CA ASN A 132 -18.84 25.86 -7.92
C ASN A 132 -18.08 26.29 -6.67
N VAL A 133 -17.12 25.47 -6.22
CA VAL A 133 -16.44 25.76 -4.95
C VAL A 133 -15.77 27.13 -4.99
N LYS A 134 -15.41 27.62 -6.19
CA LYS A 134 -14.86 28.97 -6.30
C LYS A 134 -15.89 30.02 -5.93
N HIS A 135 -17.18 29.68 -6.00
CA HIS A 135 -18.21 30.68 -5.73
C HIS A 135 -18.49 30.84 -4.25
N LEU A 136 -18.62 29.73 -3.51
CA LEU A 136 -19.10 29.79 -2.14
C LEU A 136 -18.20 30.62 -1.25
N ARG A 137 -18.80 31.47 -0.45
CA ARG A 137 -18.11 32.04 0.67
C ARG A 137 -17.76 30.92 1.65
N PRO A 138 -16.55 30.88 2.18
CA PRO A 138 -16.21 29.83 3.15
C PRO A 138 -16.96 30.02 4.47
N TRP A 139 -16.87 29.00 5.31
CA TRP A 139 -17.41 29.10 6.66
C TRP A 139 -16.63 28.17 7.57
N GLN A 140 -16.97 28.21 8.85
CA GLN A 140 -16.13 27.62 9.87
C GLN A 140 -16.51 26.16 10.06
N VAL A 141 -15.55 25.26 9.86
CA VAL A 141 -15.79 23.83 10.02
C VAL A 141 -14.70 23.23 10.90
N ASP A 142 -15.00 22.05 11.45
CA ASP A 142 -13.97 21.26 12.13
C ASP A 142 -13.00 20.65 11.13
N THR A 143 -13.52 20.13 10.01
CA THR A 143 -12.72 19.40 9.04
C THR A 143 -12.98 19.95 7.64
N LEU A 144 -11.91 20.17 6.88
CA LEU A 144 -12.00 20.56 5.49
C LEU A 144 -11.39 19.48 4.60
N LEU A 145 -12.17 18.99 3.66
CA LEU A 145 -11.68 18.06 2.67
C LEU A 145 -11.73 18.75 1.31
N PHE A 146 -10.66 18.66 0.53
CA PHE A 146 -10.68 19.14 -0.84
C PHE A 146 -10.07 18.10 -1.77
N ASP A 147 -10.86 17.65 -2.74
CA ASP A 147 -10.39 16.68 -3.72
C ASP A 147 -10.50 17.22 -5.15
N GLY A 148 -10.51 18.53 -5.31
CA GLY A 148 -10.52 19.08 -6.65
C GLY A 148 -9.16 18.95 -7.31
N GLY A 149 -9.14 19.25 -8.60
CA GLY A 149 -7.92 19.10 -9.38
C GLY A 149 -8.17 18.35 -10.67
N GLU A 150 -7.58 18.82 -11.76
CA GLU A 150 -7.77 18.23 -13.08
C GLU A 150 -6.44 18.12 -13.81
N ALA A 151 -6.19 16.95 -14.40
CA ALA A 151 -5.12 16.80 -15.38
C ALA A 151 -5.62 17.23 -16.75
N PHE A 152 -4.78 17.95 -17.47
CA PHE A 152 -5.10 18.38 -18.82
C PHE A 152 -4.52 17.39 -19.83
N LYS A 153 -5.11 17.37 -21.03
CA LYS A 153 -4.66 16.45 -22.06
C LYS A 153 -3.30 16.85 -22.62
N ARG A 154 -2.66 15.89 -23.30
CA ARG A 154 -1.26 16.01 -23.66
C ARG A 154 -1.00 17.09 -24.68
N ASP A 155 -2.03 17.60 -25.34
CA ASP A 155 -1.82 18.66 -26.32
C ASP A 155 -1.92 20.05 -25.72
N GLN A 156 -2.29 20.18 -24.45
CA GLN A 156 -2.48 21.50 -23.86
C GLN A 156 -1.14 22.11 -23.48
N ASN A 157 -1.03 23.44 -23.63
CA ASN A 157 0.10 24.16 -23.07
C ASN A 157 0.15 23.92 -21.56
N LEU A 158 1.36 23.74 -21.03
CA LEU A 158 1.55 23.34 -19.64
C LEU A 158 1.06 24.41 -18.67
N ARG A 159 1.26 25.69 -19.02
CA ARG A 159 0.81 26.75 -18.13
C ARG A 159 -0.71 26.77 -18.00
N LYS A 160 -1.45 26.16 -18.94
CA LYS A 160 -2.90 26.06 -18.77
C LYS A 160 -3.24 25.22 -17.55
N GLU A 161 -2.69 24.01 -17.47
CA GLU A 161 -2.96 23.11 -16.34
C GLU A 161 -2.50 23.74 -15.04
N GLU A 162 -1.33 24.40 -15.07
CA GLU A 162 -0.82 25.01 -13.85
C GLU A 162 -1.75 26.11 -13.37
N ASN A 163 -2.18 26.99 -14.29
CA ASN A 163 -3.06 28.09 -13.91
C ASN A 163 -4.41 27.60 -13.40
N PHE A 164 -4.98 26.59 -14.08
CA PHE A 164 -6.29 26.08 -13.69
C PHE A 164 -6.27 25.50 -12.29
N ASN A 165 -5.26 24.69 -11.98
CA ASN A 165 -5.22 24.10 -10.65
C ASN A 165 -4.78 25.12 -9.59
N ASP A 166 -3.95 26.09 -9.96
CA ASP A 166 -3.64 27.18 -9.05
C ASP A 166 -4.91 27.94 -8.67
N SER A 167 -5.76 28.17 -9.67
CA SER A 167 -7.00 28.89 -9.45
C SER A 167 -7.95 28.12 -8.55
N LEU A 168 -7.93 26.77 -8.60
CA LEU A 168 -8.70 26.00 -7.62
C LEU A 168 -8.12 26.12 -6.20
N LEU A 169 -6.80 25.96 -6.06
CA LEU A 169 -6.21 26.07 -4.73
C LEU A 169 -6.42 27.45 -4.11
N ASP A 170 -6.54 28.48 -4.94
CA ASP A 170 -6.84 29.80 -4.39
C ASP A 170 -8.22 29.84 -3.76
N ALA A 171 -9.16 29.03 -4.25
CA ALA A 171 -10.45 28.94 -3.59
C ALA A 171 -10.31 28.24 -2.25
N VAL A 172 -9.47 27.21 -2.18
CA VAL A 172 -9.23 26.61 -0.85
C VAL A 172 -8.57 27.61 0.11
N ASP A 173 -7.80 28.56 -0.42
CA ASP A 173 -7.08 29.52 0.43
C ASP A 173 -8.03 30.29 1.34
N ALA A 174 -9.21 30.67 0.84
CA ALA A 174 -10.13 31.39 1.70
C ALA A 174 -10.64 30.52 2.85
N TRP A 175 -10.75 29.21 2.64
CA TRP A 175 -11.19 28.35 3.73
C TRP A 175 -10.09 28.19 4.77
N MET A 176 -8.83 28.21 4.34
CA MET A 176 -7.75 27.96 5.29
C MET A 176 -7.41 29.20 6.10
N MET A 177 -7.62 30.39 5.54
CA MET A 177 -7.14 31.64 6.10
C MET A 177 -8.18 32.35 6.97
N GLN A 178 -9.30 31.70 7.26
CA GLN A 178 -10.32 32.29 8.11
C GLN A 178 -9.85 32.37 9.56
N PRO A 179 -10.60 33.05 10.42
CA PRO A 179 -10.13 33.23 11.82
C PRO A 179 -9.91 31.93 12.58
N VAL A 180 -10.89 31.03 12.61
CA VAL A 180 -10.67 29.71 13.20
C VAL A 180 -10.51 28.70 12.06
N PRO A 181 -9.29 28.37 11.66
CA PRO A 181 -9.09 27.47 10.50
C PRO A 181 -9.52 26.05 10.83
N PRO A 182 -9.69 25.20 9.81
CA PRO A 182 -10.08 23.81 10.08
C PRO A 182 -9.06 23.11 10.97
N ARG A 183 -9.56 22.39 11.97
CA ARG A 183 -8.66 21.61 12.82
C ARG A 183 -8.05 20.44 12.05
N ASN A 184 -8.87 19.72 11.26
CA ASN A 184 -8.40 18.69 10.35
C ASN A 184 -8.58 19.18 8.91
N PHE A 185 -7.56 18.94 8.07
CA PHE A 185 -7.72 19.22 6.66
C PHE A 185 -7.02 18.14 5.84
N VAL A 186 -7.62 17.82 4.69
CA VAL A 186 -7.06 16.91 3.69
C VAL A 186 -7.25 17.60 2.35
N ILE A 187 -6.17 18.13 1.79
CA ILE A 187 -6.27 18.99 0.61
C ILE A 187 -5.44 18.37 -0.51
N LYS A 188 -6.12 17.90 -1.56
CA LYS A 188 -5.42 17.38 -2.73
C LYS A 188 -4.71 18.50 -3.44
N ILE A 189 -3.47 18.25 -3.84
CA ILE A 189 -2.65 19.20 -4.54
C ILE A 189 -2.33 18.57 -5.88
N GLN A 190 -3.09 18.92 -6.91
CA GLN A 190 -2.93 18.28 -8.21
C GLN A 190 -1.56 18.57 -8.82
N VAL A 191 -1.12 19.83 -8.74
CA VAL A 191 0.13 20.25 -9.39
C VAL A 191 0.96 20.99 -8.36
N PRO A 192 1.77 20.28 -7.57
CA PRO A 192 2.36 20.87 -6.36
C PRO A 192 3.63 21.67 -6.58
N TYR A 193 4.13 21.75 -7.81
CA TYR A 193 5.40 22.40 -8.07
C TYR A 193 5.25 23.80 -8.65
N THR A 194 4.03 24.29 -8.81
CA THR A 194 3.89 25.69 -9.18
C THR A 194 4.35 26.57 -8.02
N GLN A 195 4.80 27.78 -8.34
CA GLN A 195 5.18 28.70 -7.28
C GLN A 195 4.01 29.01 -6.38
N LYS A 196 2.81 29.05 -6.93
CA LYS A 196 1.64 29.42 -6.15
C LYS A 196 1.24 28.29 -5.21
N ALA A 197 1.38 27.04 -5.64
CA ALA A 197 1.01 25.95 -4.75
C ALA A 197 1.96 25.88 -3.57
N ILE A 198 3.26 25.94 -3.84
CA ILE A 198 4.27 25.91 -2.78
C ILE A 198 4.10 27.09 -1.83
N ALA A 199 3.88 28.30 -2.37
CA ALA A 199 3.65 29.46 -1.51
C ALA A 199 2.38 29.30 -0.68
N LEU A 200 1.31 28.78 -1.29
CA LEU A 200 0.07 28.56 -0.55
C LEU A 200 0.28 27.57 0.60
N LEU A 201 0.99 26.48 0.34
CA LEU A 201 1.21 25.48 1.38
C LEU A 201 2.06 26.05 2.53
N GLU A 202 3.07 26.86 2.21
CA GLU A 202 3.87 27.47 3.26
C GLU A 202 3.05 28.43 4.10
N LYS A 203 2.21 29.22 3.43
CA LYS A 203 1.32 30.14 4.14
C LYS A 203 0.35 29.39 5.04
N TRP A 204 -0.19 28.26 4.57
CA TRP A 204 -1.11 27.47 5.39
C TRP A 204 -0.40 26.85 6.59
N GLN A 205 0.88 26.49 6.42
CA GLN A 205 1.63 25.96 7.56
C GLN A 205 1.81 27.05 8.62
N VAL A 206 2.12 28.28 8.20
CA VAL A 206 2.26 29.38 9.16
C VAL A 206 0.90 29.67 9.81
N LYS A 207 -0.16 29.71 9.01
CA LYS A 207 -1.49 30.00 9.52
C LYS A 207 -1.92 28.99 10.58
N THR A 208 -1.74 27.69 10.32
CA THR A 208 -2.32 26.68 11.18
C THR A 208 -1.35 26.10 12.18
N GLY A 209 -0.04 26.27 11.97
CA GLY A 209 0.96 25.57 12.74
C GLY A 209 1.03 24.08 12.48
N LYS A 210 0.51 23.62 11.34
CA LYS A 210 0.39 22.19 11.04
C LYS A 210 0.69 21.98 9.56
N GLY A 211 0.84 20.71 9.18
CA GLY A 211 0.74 20.39 7.79
C GLY A 211 1.93 19.69 7.20
N ARG A 212 1.66 18.57 6.53
CA ARG A 212 2.67 17.80 5.84
C ARG A 212 2.14 17.45 4.46
N LEU A 213 2.99 17.61 3.45
CA LEU A 213 2.63 17.27 2.07
C LEU A 213 3.13 15.87 1.81
N VAL A 214 2.20 14.96 1.46
CA VAL A 214 2.58 13.58 1.25
C VAL A 214 2.27 13.15 -0.17
N ARG A 215 2.97 12.11 -0.60
CA ARG A 215 2.64 11.38 -1.82
C ARG A 215 2.20 9.97 -1.45
N LEU A 216 0.94 9.63 -1.75
CA LEU A 216 0.45 8.28 -1.45
C LEU A 216 1.25 7.24 -2.22
N ALA A 217 1.68 6.19 -1.53
CA ALA A 217 2.20 5.02 -2.24
C ALA A 217 1.09 4.36 -3.04
N GLY A 218 1.43 3.85 -4.21
CA GLY A 218 0.44 3.23 -5.05
C GLY A 218 -0.37 4.17 -5.91
N ASP A 219 -0.13 5.47 -5.84
CA ASP A 219 -0.80 6.37 -6.76
C ASP A 219 -0.21 6.18 -8.17
N ARG A 220 -1.02 6.50 -9.17
CA ARG A 220 -0.55 6.38 -10.55
C ARG A 220 0.64 7.30 -10.79
N LEU A 221 1.69 6.76 -11.42
CA LEU A 221 2.82 7.57 -11.88
C LEU A 221 2.43 8.60 -12.93
N SER A 222 1.25 8.48 -13.52
CA SER A 222 0.81 9.36 -14.57
C SER A 222 0.27 10.70 -14.07
N ASN A 223 0.20 10.90 -12.75
CA ASN A 223 -0.12 12.21 -12.21
C ASN A 223 0.94 12.62 -11.19
N THR A 224 0.81 13.85 -10.70
CA THR A 224 1.71 14.43 -9.72
C THR A 224 0.97 14.81 -8.44
N VAL A 225 -0.13 14.10 -8.17
CA VAL A 225 -0.99 14.40 -7.03
C VAL A 225 -0.22 14.19 -5.73
N MET A 226 -0.30 15.17 -4.84
CA MET A 226 0.06 15.03 -3.45
C MET A 226 -1.11 15.50 -2.59
N TYR A 227 -1.05 15.19 -1.29
CA TYR A 227 -2.05 15.69 -0.36
C TYR A 227 -1.39 16.44 0.80
N PHE A 228 -1.97 17.58 1.14
CA PHE A 228 -1.60 18.35 2.32
C PHE A 228 -2.50 17.92 3.47
N LEU A 229 -1.90 17.40 4.54
CA LEU A 229 -2.61 16.85 5.69
C LEU A 229 -2.28 17.62 6.96
N SER A 230 -3.23 17.65 7.89
CA SER A 230 -3.07 18.35 9.16
C SER A 230 -2.42 17.48 10.22
N VAL A 231 -1.29 16.87 9.87
CA VAL A 231 -0.47 16.19 10.87
C VAL A 231 0.57 17.18 11.36
N ARG A 232 1.48 16.73 12.23
CA ARG A 232 2.56 17.58 12.70
C ARG A 232 3.33 18.22 11.55
N LEU A 233 3.58 19.52 11.67
CA LEU A 233 4.37 20.31 10.72
C LEU A 233 5.52 19.55 10.09
N GLU A 234 5.65 19.60 8.77
CA GLU A 234 6.85 19.16 8.07
C GLU A 234 7.17 20.22 7.04
N THR A 235 8.28 20.92 7.25
CA THR A 235 8.59 22.14 6.52
C THR A 235 9.51 21.80 5.36
N GLN A 236 10.12 22.81 4.77
CA GLN A 236 10.95 22.63 3.58
C GLN A 236 10.15 21.93 2.48
N ILE A 237 8.89 22.35 2.33
CA ILE A 237 8.01 21.79 1.31
C ILE A 237 8.63 21.89 -0.07
N ARG A 238 9.19 23.04 -0.42
CA ARG A 238 9.78 23.23 -1.74
C ARG A 238 10.78 22.12 -2.10
N GLY A 239 11.75 21.86 -1.21
CA GLY A 239 12.75 20.84 -1.50
C GLY A 239 12.17 19.43 -1.54
N ARG A 240 11.10 19.20 -0.78
CA ARG A 240 10.47 17.89 -0.79
C ARG A 240 9.66 17.67 -2.05
N VAL A 241 9.05 18.73 -2.59
CA VAL A 241 8.42 18.65 -3.90
C VAL A 241 9.49 18.39 -4.95
N THR A 242 10.64 19.06 -4.84
CA THR A 242 11.75 18.82 -5.76
C THR A 242 12.14 17.35 -5.77
N THR A 243 12.34 16.78 -4.59
CA THR A 243 12.66 15.36 -4.51
C THR A 243 11.54 14.52 -5.13
N PHE A 244 10.28 14.84 -4.78
CA PHE A 244 9.17 14.07 -5.34
C PHE A 244 9.18 14.09 -6.87
N VAL A 245 9.34 15.28 -7.48
CA VAL A 245 9.25 15.37 -8.93
C VAL A 245 10.42 14.67 -9.60
N ARG A 246 11.63 14.80 -9.04
CA ARG A 246 12.78 14.12 -9.64
C ARG A 246 12.62 12.61 -9.56
N GLU A 247 12.23 12.11 -8.40
CA GLU A 247 12.04 10.68 -8.24
C GLU A 247 10.92 10.17 -9.16
N LEU A 248 9.78 10.88 -9.17
CA LEU A 248 8.68 10.55 -10.08
C LEU A 248 9.15 10.44 -11.52
N ALA A 249 10.00 11.38 -11.93
CA ALA A 249 10.53 11.37 -13.29
C ALA A 249 11.37 10.12 -13.55
N GLU A 250 12.24 9.76 -12.61
CA GLU A 250 13.04 8.55 -12.79
C GLU A 250 12.17 7.29 -12.85
N ARG A 251 11.19 7.17 -11.94
CA ARG A 251 10.31 6.01 -11.97
C ARG A 251 9.53 5.93 -13.29
N ARG A 252 9.08 7.08 -13.80
CA ARG A 252 8.41 7.09 -15.10
C ARG A 252 9.34 6.61 -16.19
N LYS A 253 10.58 7.11 -16.21
CA LYS A 253 11.59 6.58 -17.13
C LYS A 253 11.61 5.07 -17.09
N ASP A 254 11.87 4.49 -15.92
CA ASP A 254 12.11 3.06 -15.82
C ASP A 254 10.86 2.25 -16.19
N ARG A 255 9.71 2.61 -15.63
CA ARG A 255 8.50 1.88 -15.99
C ARG A 255 8.11 2.04 -17.47
N SER A 256 8.57 3.08 -18.16
CA SER A 256 8.25 3.25 -19.58
C SER A 256 9.20 2.50 -20.51
N LEU A 257 10.36 2.06 -20.02
CA LEU A 257 11.27 1.21 -20.79
C LEU A 257 11.28 -0.19 -20.17
N THR A 258 11.17 -1.31 -20.91
CA THR A 258 11.61 -1.63 -22.29
C THR A 258 13.13 -1.69 -22.24
N ALA A 259 13.63 -2.23 -21.12
CA ALA A 259 15.07 -2.43 -20.96
C ALA A 259 15.55 -3.53 -21.88
N ASP A 260 16.57 -3.20 -22.65
CA ASP A 260 17.09 -4.10 -23.64
C ASP A 260 18.09 -5.04 -23.07
N PRO A 261 17.82 -6.37 -23.32
CA PRO A 261 18.86 -7.29 -22.87
C PRO A 261 19.67 -7.67 -24.09
N SER A 262 20.99 -7.52 -24.14
CA SER A 262 21.86 -7.00 -23.08
C SER A 262 22.02 -7.70 -21.72
N LEU A 263 21.90 -9.00 -21.67
CA LEU A 263 22.09 -9.71 -20.41
C LEU A 263 21.89 -11.22 -20.50
N PRO B 2 -22.94 4.68 13.89
CA PRO B 2 -22.08 4.47 12.72
C PRO B 2 -20.99 3.42 12.95
N LEU B 3 -20.39 2.92 11.86
CA LEU B 3 -19.35 1.90 11.96
C LEU B 3 -18.18 2.38 12.83
N GLY B 4 -17.81 3.65 12.70
CA GLY B 4 -16.80 4.22 13.59
C GLY B 4 -15.44 3.59 13.39
N SER B 5 -14.76 3.35 14.51
CA SER B 5 -13.40 2.79 14.52
C SER B 5 -13.27 1.55 13.64
N GLU B 6 -14.32 0.72 13.56
CA GLU B 6 -14.24 -0.53 12.81
C GLU B 6 -13.79 -0.30 11.38
N VAL B 7 -14.15 0.85 10.78
CA VAL B 7 -13.79 1.12 9.39
C VAL B 7 -12.27 1.02 9.17
N TYR B 8 -11.47 1.32 10.18
CA TYR B 8 -10.02 1.26 10.01
C TYR B 8 -9.46 -0.15 10.06
N LYS B 9 -10.20 -1.08 10.61
CA LYS B 9 -9.74 -2.44 10.71
C LYS B 9 -10.12 -3.20 9.47
N GLY B 10 -10.65 -2.49 8.49
CA GLY B 10 -11.03 -3.09 7.23
C GLY B 10 -9.82 -3.64 6.48
N ASP B 11 -10.01 -4.80 5.90
CA ASP B 11 -8.98 -5.48 5.14
C ASP B 11 -9.22 -5.18 3.68
N GLY B 12 -10.05 -4.19 3.39
CA GLY B 12 -10.40 -3.84 2.05
C GLY B 12 -9.27 -3.38 1.19
N TYR B 13 -8.40 -2.55 1.75
CA TYR B 13 -7.31 -2.04 0.96
C TYR B 13 -5.97 -2.67 0.94
N LYS B 14 -5.66 -3.52 1.90
CA LYS B 14 -4.34 -4.10 1.98
C LYS B 14 -4.15 -5.47 1.38
N VAL B 15 -5.23 -6.18 1.16
CA VAL B 15 -5.16 -7.55 0.69
C VAL B 15 -6.19 -7.74 -0.42
N TRP B 16 -5.95 -8.74 -1.26
CA TRP B 16 -6.95 -9.10 -2.25
C TRP B 16 -8.18 -9.69 -1.57
N LYS B 17 -9.32 -9.52 -2.22
CA LYS B 17 -10.54 -10.21 -1.83
C LYS B 17 -10.53 -11.57 -2.50
N LEU B 18 -10.57 -12.64 -1.70
CA LEU B 18 -10.51 -14.00 -2.22
C LEU B 18 -11.69 -14.77 -1.67
N GLU B 19 -12.71 -14.81 -2.37
CA GLU B 19 -13.75 -15.76 -2.05
C GLU B 19 -13.46 -17.06 -2.78
N PRO B 20 -13.89 -18.20 -2.26
CA PRO B 20 -13.52 -19.48 -2.90
C PRO B 20 -14.22 -19.66 -4.22
N SER B 21 -13.58 -20.42 -5.13
CA SER B 21 -14.20 -20.72 -6.40
C SER B 21 -13.75 -22.08 -6.90
N LEU B 22 -14.50 -22.60 -7.88
CA LEU B 22 -14.23 -23.91 -8.42
C LEU B 22 -12.92 -23.94 -9.21
N GLY B 23 -12.29 -25.11 -9.25
CA GLY B 23 -11.07 -25.29 -9.99
C GLY B 23 -10.00 -26.11 -9.27
N ASP B 24 -9.05 -26.62 -10.06
CA ASP B 24 -7.87 -27.29 -9.52
C ASP B 24 -6.75 -26.27 -9.35
N PRO B 25 -6.37 -25.92 -8.12
CA PRO B 25 -5.34 -24.87 -7.95
C PRO B 25 -3.96 -25.28 -8.42
N LEU B 26 -3.62 -26.56 -8.36
CA LEU B 26 -2.31 -27.01 -8.81
C LEU B 26 -2.15 -26.81 -10.31
N GLU B 27 -3.13 -27.29 -11.08
CA GLU B 27 -3.07 -27.17 -12.53
C GLU B 27 -3.06 -25.71 -12.99
N LEU B 28 -3.87 -24.86 -12.35
CA LEU B 28 -3.87 -23.44 -12.71
C LEU B 28 -2.54 -22.78 -12.34
N GLY B 29 -2.00 -23.14 -11.18
CA GLY B 29 -0.70 -22.61 -10.80
C GLY B 29 0.38 -23.00 -11.79
N ARG B 30 0.37 -24.26 -12.22
CA ARG B 30 1.36 -24.71 -13.20
C ARG B 30 1.15 -24.00 -14.52
N LYS B 31 -0.12 -23.70 -14.85
CA LYS B 31 -0.41 -23.05 -16.11
C LYS B 31 0.21 -21.66 -16.15
N THR B 32 -0.10 -20.84 -15.14
CA THR B 32 0.40 -19.48 -15.15
C THR B 32 1.91 -19.42 -14.91
N LYS B 33 2.48 -20.39 -14.20
CA LYS B 33 3.94 -20.46 -14.10
C LYS B 33 4.56 -20.76 -15.47
N THR B 34 3.97 -21.68 -16.25
CA THR B 34 4.49 -22.00 -17.58
C THR B 34 4.38 -20.80 -18.51
N GLU B 35 3.23 -20.11 -18.47
CA GLU B 35 3.05 -18.92 -19.29
C GLU B 35 4.06 -17.83 -18.91
N MET B 36 4.21 -17.57 -17.61
CA MET B 36 5.20 -16.58 -17.20
C MET B 36 6.60 -17.01 -17.62
N ASN B 37 6.89 -18.31 -17.58
CA ASN B 37 8.21 -18.78 -17.97
C ASN B 37 8.48 -18.53 -19.45
N ALA B 38 7.44 -18.51 -20.27
CA ALA B 38 7.62 -18.25 -21.69
C ALA B 38 7.53 -16.77 -22.05
N MET B 39 7.19 -15.90 -21.10
CA MET B 39 7.05 -14.48 -21.38
C MET B 39 8.37 -13.88 -21.84
N THR B 40 8.29 -12.89 -22.73
CA THR B 40 9.50 -12.22 -23.19
C THR B 40 10.05 -11.30 -22.10
N HIS B 41 11.20 -10.68 -22.39
CA HIS B 41 11.79 -9.74 -21.46
C HIS B 41 10.85 -8.58 -21.18
N ASP B 42 10.15 -8.09 -22.19
CA ASP B 42 9.24 -6.97 -21.99
C ASP B 42 8.07 -7.35 -21.07
N GLU B 43 7.35 -8.42 -21.42
CA GLU B 43 6.26 -8.92 -20.56
C GLU B 43 6.74 -9.18 -19.14
N PHE B 44 7.76 -10.04 -18.99
CA PHE B 44 8.22 -10.41 -17.67
C PHE B 44 8.70 -9.19 -16.89
N ASP B 45 9.36 -8.27 -17.57
CA ASP B 45 9.82 -7.05 -16.92
C ASP B 45 8.64 -6.24 -16.40
N ARG B 46 7.62 -6.06 -17.26
CA ARG B 46 6.41 -5.39 -16.82
C ARG B 46 5.85 -5.96 -15.53
N MET B 47 6.04 -7.27 -15.26
CA MET B 47 5.56 -7.89 -14.01
C MET B 47 6.46 -7.81 -12.78
N LYS B 48 7.66 -7.28 -12.86
CA LYS B 48 8.35 -7.07 -11.60
C LYS B 48 8.08 -5.59 -11.39
N TYR B 49 6.99 -5.32 -10.67
CA TYR B 49 6.42 -3.98 -10.44
C TYR B 49 6.98 -2.85 -11.33
N ASP B 60 16.28 4.31 7.28
CA ASP B 60 16.25 3.07 6.49
C ASP B 60 16.19 1.86 7.42
N LYS B 61 15.84 0.71 6.86
CA LYS B 61 15.57 -0.46 7.68
C LYS B 61 16.47 -1.62 7.22
N PRO B 62 16.58 -2.70 7.99
CA PRO B 62 17.48 -3.79 7.60
C PRO B 62 17.14 -4.40 6.25
N SER B 63 15.88 -4.35 5.85
CA SER B 63 15.50 -4.80 4.51
C SER B 63 14.07 -4.30 4.25
N LYS B 64 13.55 -4.69 3.09
CA LYS B 64 12.15 -4.47 2.75
C LYS B 64 11.21 -5.21 3.70
N GLY B 65 11.66 -6.34 4.28
CA GLY B 65 10.78 -7.16 5.09
C GLY B 65 10.14 -6.41 6.25
N TYR B 66 10.84 -5.42 6.80
CA TYR B 66 10.36 -4.67 7.97
C TYR B 66 8.96 -4.12 7.74
N ASP B 67 8.77 -3.37 6.64
CA ASP B 67 7.48 -2.74 6.37
C ASP B 67 6.42 -3.78 6.06
N LYS B 68 6.80 -4.85 5.35
CA LYS B 68 5.88 -5.93 5.06
C LYS B 68 5.31 -6.53 6.35
N LEU B 69 6.19 -6.88 7.28
CA LEU B 69 5.71 -7.48 8.52
C LEU B 69 4.89 -6.48 9.32
N ARG B 70 5.25 -5.20 9.29
CA ARG B 70 4.43 -4.21 9.99
C ARG B 70 3.00 -4.23 9.47
N VAL B 71 2.82 -4.27 8.15
CA VAL B 71 1.48 -4.36 7.57
C VAL B 71 0.79 -5.64 8.03
N LEU B 72 1.48 -6.78 7.92
CA LEU B 72 0.84 -8.04 8.29
C LEU B 72 0.41 -8.05 9.75
N LEU B 73 1.25 -7.52 10.65
CA LEU B 73 0.92 -7.50 12.07
C LEU B 73 -0.21 -6.52 12.36
N ASP B 74 -0.23 -5.39 11.66
CA ASP B 74 -1.36 -4.48 11.83
C ASP B 74 -2.65 -5.13 11.38
N LEU B 75 -2.60 -5.93 10.30
CA LEU B 75 -3.78 -6.72 9.91
C LEU B 75 -4.18 -7.67 11.03
N MET B 76 -3.21 -8.19 11.78
CA MET B 76 -3.53 -9.11 12.86
C MET B 76 -3.94 -8.38 14.12
N ASP B 77 -4.16 -7.06 14.02
CA ASP B 77 -4.63 -6.21 15.12
C ASP B 77 -3.55 -5.97 16.17
N ARG B 78 -2.28 -6.07 15.78
CA ARG B 78 -1.15 -5.65 16.59
C ARG B 78 -1.10 -6.42 17.92
N PRO B 79 -0.91 -7.74 17.89
CA PRO B 79 -0.85 -8.49 19.14
C PRO B 79 0.49 -8.31 19.84
N ARG B 80 0.48 -8.60 21.14
CA ARG B 80 1.71 -8.69 21.90
C ARG B 80 2.46 -9.96 21.50
N LEU B 81 3.75 -9.83 21.21
CA LEU B 81 4.45 -10.93 20.54
C LEU B 81 5.16 -11.86 21.52
N GLY B 82 5.69 -11.34 22.63
CA GLY B 82 6.37 -12.17 23.62
C GLY B 82 7.53 -12.92 23.01
N THR B 83 7.71 -14.18 23.45
CA THR B 83 8.80 -15.00 22.92
C THR B 83 8.54 -15.29 21.45
N THR B 84 9.48 -14.87 20.59
CA THR B 84 9.30 -14.89 19.14
C THR B 84 10.45 -15.62 18.46
N VAL B 85 10.16 -16.48 17.47
CA VAL B 85 11.18 -17.06 16.60
C VAL B 85 10.95 -16.55 15.19
N ASP B 86 12.03 -16.08 14.57
CA ASP B 86 12.04 -15.53 13.22
C ASP B 86 12.83 -16.52 12.36
N LEU B 87 12.10 -17.38 11.65
CA LEU B 87 12.72 -18.42 10.84
C LEU B 87 13.06 -17.87 9.46
N CYS B 88 14.24 -18.24 8.96
CA CYS B 88 14.77 -17.68 7.73
C CYS B 88 14.83 -16.15 7.83
N ALA B 89 15.50 -15.71 8.89
CA ALA B 89 15.55 -14.30 9.24
C ALA B 89 16.32 -13.47 8.22
N GLY B 90 17.24 -14.09 7.49
CA GLY B 90 17.97 -13.38 6.45
C GLY B 90 18.71 -12.19 7.02
N ARG B 91 18.57 -11.04 6.35
CA ARG B 91 19.21 -9.80 6.80
C ARG B 91 18.55 -9.21 8.03
N GLY B 92 17.38 -9.70 8.43
CA GLY B 92 16.87 -9.40 9.75
C GLY B 92 15.80 -8.33 9.86
N GLY B 93 15.08 -8.03 8.78
CA GLY B 93 14.07 -6.97 8.84
C GLY B 93 12.92 -7.31 9.79
N TRP B 94 12.48 -8.57 9.77
CA TRP B 94 11.40 -9.00 10.66
C TRP B 94 11.84 -8.93 12.12
N SER B 95 13.05 -9.42 12.40
CA SER B 95 13.55 -9.40 13.77
C SER B 95 13.70 -7.97 14.25
N GLU B 96 14.14 -7.06 13.36
CA GLU B 96 14.27 -5.67 13.76
C GLU B 96 12.92 -5.08 14.09
N LEU B 97 11.88 -5.43 13.32
CA LEU B 97 10.56 -4.93 13.66
C LEU B 97 10.15 -5.40 15.06
N VAL B 98 10.40 -6.68 15.37
CA VAL B 98 10.00 -7.20 16.67
C VAL B 98 10.77 -6.50 17.79
N LYS B 99 12.08 -6.29 17.58
CA LYS B 99 12.88 -5.59 18.57
C LYS B 99 12.40 -4.15 18.78
N ASP B 100 12.05 -3.45 17.70
CA ASP B 100 11.47 -2.11 17.85
C ASP B 100 10.18 -2.14 18.64
N LEU B 101 9.36 -3.18 18.43
CA LEU B 101 8.08 -3.25 19.14
C LEU B 101 8.26 -3.58 20.61
N GLU B 102 9.21 -4.46 20.95
CA GLU B 102 9.22 -5.04 22.29
C GLU B 102 10.62 -5.26 22.87
N GLY B 103 11.68 -4.74 22.26
CA GLY B 103 13.01 -4.98 22.77
C GLY B 103 13.60 -6.24 22.19
N PRO B 104 14.92 -6.42 22.32
CA PRO B 104 15.58 -7.57 21.68
C PRO B 104 15.58 -8.85 22.50
N LYS B 105 15.20 -8.81 23.78
CA LYS B 105 15.35 -9.95 24.68
C LYS B 105 14.45 -11.14 24.32
N GLY B 106 13.35 -10.95 23.61
CA GLY B 106 12.45 -12.05 23.35
C GLY B 106 12.57 -12.71 22.00
N ILE B 107 13.49 -12.23 21.14
CA ILE B 107 13.60 -12.69 19.76
C ILE B 107 14.72 -13.70 19.63
N THR B 108 14.47 -14.74 18.84
CA THR B 108 15.51 -15.61 18.33
C THR B 108 15.41 -15.60 16.82
N ALA B 109 16.50 -15.22 16.15
CA ALA B 109 16.57 -15.24 14.69
C ALA B 109 17.30 -16.49 14.24
N VAL B 110 16.75 -17.18 13.24
CA VAL B 110 17.33 -18.41 12.70
C VAL B 110 17.49 -18.24 11.19
N SER B 111 18.71 -18.40 10.69
CA SER B 111 18.93 -18.32 9.26
C SER B 111 20.27 -18.99 8.95
N LEU B 112 20.49 -19.23 7.67
CA LEU B 112 21.76 -19.79 7.20
C LEU B 112 22.61 -18.62 6.72
N TRP B 113 23.45 -18.10 7.61
CA TRP B 113 24.57 -17.25 7.20
C TRP B 113 25.85 -18.06 7.32
N GLU B 114 26.57 -18.31 6.24
CA GLU B 114 26.40 -17.67 4.94
C GLU B 114 25.95 -18.65 3.86
N GLU B 118 24.57 -13.30 2.20
CA GLU B 118 23.60 -12.79 3.18
C GLU B 118 24.30 -12.39 4.47
N GLU B 119 23.94 -11.21 5.00
CA GLU B 119 24.59 -10.68 6.19
C GLU B 119 23.56 -10.01 7.09
N TRP B 120 23.78 -10.11 8.40
CA TRP B 120 22.84 -9.62 9.40
C TRP B 120 22.91 -8.09 9.50
N MET B 121 21.79 -7.41 9.28
CA MET B 121 21.75 -5.96 9.24
C MET B 121 20.94 -5.36 10.38
N ALA B 122 20.46 -6.17 11.29
CA ALA B 122 19.55 -5.72 12.32
C ALA B 122 20.34 -5.50 13.60
N ASP B 123 19.64 -5.25 14.70
CA ASP B 123 20.30 -5.05 15.97
C ASP B 123 21.22 -6.23 16.29
N PRO B 124 22.47 -5.98 16.66
CA PRO B 124 23.37 -7.09 17.02
C PRO B 124 23.02 -7.77 18.34
N ALA B 125 22.27 -7.10 19.21
CA ALA B 125 21.87 -7.70 20.47
C ALA B 125 20.79 -8.78 20.31
N ILE B 126 20.23 -8.94 19.12
CA ILE B 126 19.25 -9.99 18.85
C ILE B 126 19.95 -11.35 18.73
N HIS B 127 19.56 -12.30 19.57
CA HIS B 127 20.12 -13.64 19.51
C HIS B 127 19.87 -14.30 18.15
N ARG B 128 20.92 -14.91 17.57
CA ARG B 128 20.87 -15.52 16.25
C ARG B 128 21.35 -16.97 16.33
N ILE B 129 20.64 -17.88 15.68
CA ILE B 129 21.09 -19.25 15.52
C ILE B 129 21.37 -19.47 14.03
N ASN B 130 22.59 -19.91 13.72
CA ASN B 130 23.01 -20.22 12.35
C ASN B 130 22.70 -21.70 12.10
N ALA B 131 21.58 -21.97 11.44
CA ALA B 131 21.14 -23.35 11.27
C ALA B 131 20.21 -23.45 10.06
N ASN B 132 20.12 -24.66 9.54
CA ASN B 132 19.11 -24.98 8.56
C ASN B 132 17.79 -25.21 9.28
N VAL B 133 16.75 -24.44 8.94
CA VAL B 133 15.47 -24.59 9.63
C VAL B 133 14.83 -25.94 9.37
N LYS B 134 15.31 -26.69 8.38
CA LYS B 134 14.83 -28.06 8.18
C LYS B 134 15.43 -29.05 9.18
N HIS B 135 16.55 -28.72 9.81
CA HIS B 135 17.20 -29.56 10.81
C HIS B 135 16.92 -29.11 12.24
N LEU B 136 16.87 -27.80 12.49
CA LEU B 136 16.60 -27.29 13.83
C LEU B 136 15.23 -27.71 14.31
N ARG B 137 15.18 -28.33 15.48
CA ARG B 137 13.91 -28.74 16.00
C ARG B 137 13.23 -27.58 16.70
N PRO B 138 11.91 -27.60 16.79
CA PRO B 138 11.18 -26.48 17.38
C PRO B 138 11.25 -26.47 18.90
N TRP B 139 10.74 -25.38 19.47
CA TRP B 139 10.49 -25.26 20.89
C TRP B 139 9.29 -24.34 21.04
N GLN B 140 8.86 -24.15 22.28
CA GLN B 140 7.63 -23.43 22.52
C GLN B 140 7.84 -21.93 22.40
N VAL B 141 6.97 -21.27 21.62
CA VAL B 141 7.04 -19.82 21.40
C VAL B 141 5.63 -19.25 21.50
N ASP B 142 5.55 -17.97 21.83
CA ASP B 142 4.30 -17.24 21.72
C ASP B 142 4.01 -16.87 20.27
N THR B 143 5.05 -16.54 19.52
CA THR B 143 4.92 -15.99 18.17
C THR B 143 5.93 -16.68 17.26
N LEU B 144 5.42 -17.24 16.15
CA LEU B 144 6.24 -17.89 15.14
C LEU B 144 6.21 -17.08 13.85
N LEU B 145 7.38 -16.68 13.36
CA LEU B 145 7.49 -15.99 12.09
C LEU B 145 8.29 -16.81 11.12
N PHE B 146 7.81 -16.91 9.87
CA PHE B 146 8.50 -17.66 8.83
C PHE B 146 8.43 -16.89 7.52
N ASP B 147 9.59 -16.53 7.00
CA ASP B 147 9.70 -15.80 5.76
C ASP B 147 10.60 -16.54 4.79
N GLY B 148 10.59 -17.85 4.83
CA GLY B 148 11.36 -18.63 3.90
C GLY B 148 10.60 -18.93 2.64
N GLY B 149 11.34 -19.40 1.65
CA GLY B 149 10.73 -19.70 0.37
C GLY B 149 11.48 -19.00 -0.73
N GLU B 150 11.58 -19.66 -1.90
CA GLU B 150 12.32 -19.13 -3.03
C GLU B 150 11.51 -19.38 -4.30
N ALA B 151 11.39 -18.33 -5.11
CA ALA B 151 10.89 -18.48 -6.47
C ALA B 151 12.02 -18.91 -7.39
N PHE B 152 11.82 -20.00 -8.12
CA PHE B 152 12.83 -20.51 -9.02
C PHE B 152 12.81 -19.74 -10.36
N LYS B 153 13.94 -19.79 -11.05
CA LYS B 153 14.08 -19.15 -12.35
C LYS B 153 13.43 -20.02 -13.44
N ARG B 154 13.23 -19.42 -14.61
CA ARG B 154 12.45 -20.03 -15.68
C ARG B 154 13.09 -21.30 -16.24
N ASP B 155 14.41 -21.45 -16.11
CA ASP B 155 15.10 -22.59 -16.70
C ASP B 155 14.93 -23.89 -15.91
N GLN B 156 14.18 -23.89 -14.82
CA GLN B 156 13.95 -25.07 -14.01
C GLN B 156 12.59 -25.68 -14.30
N ASN B 157 12.47 -26.99 -14.09
CA ASN B 157 11.18 -27.64 -14.23
C ASN B 157 10.38 -27.44 -12.94
N LEU B 158 9.05 -27.48 -13.10
CA LEU B 158 8.17 -26.89 -12.10
C LEU B 158 8.24 -27.62 -10.77
N ARG B 159 8.35 -28.96 -10.84
CA ARG B 159 8.25 -29.77 -9.64
C ARG B 159 9.40 -29.51 -8.70
N LYS B 160 10.55 -29.08 -9.21
CA LYS B 160 11.66 -28.82 -8.32
C LYS B 160 11.37 -27.63 -7.40
N GLU B 161 10.83 -26.54 -7.97
CA GLU B 161 10.40 -25.41 -7.15
C GLU B 161 9.34 -25.84 -6.15
N GLU B 162 8.33 -26.59 -6.64
CA GLU B 162 7.25 -27.03 -5.76
C GLU B 162 7.79 -27.87 -4.59
N ASN B 163 8.72 -28.79 -4.87
CA ASN B 163 9.25 -29.69 -3.85
C ASN B 163 10.12 -28.94 -2.87
N PHE B 164 10.90 -27.98 -3.36
CA PHE B 164 11.75 -27.18 -2.48
C PHE B 164 10.91 -26.43 -1.46
N ASN B 165 9.89 -25.71 -1.92
CA ASN B 165 9.11 -24.93 -0.98
C ASN B 165 8.22 -25.80 -0.12
N ASP B 166 7.73 -26.93 -0.67
CA ASP B 166 7.02 -27.91 0.16
C ASP B 166 7.90 -28.36 1.31
N SER B 167 9.18 -28.60 1.02
CA SER B 167 10.11 -29.08 2.04
C SER B 167 10.32 -28.05 3.14
N LEU B 168 10.36 -26.75 2.78
CA LEU B 168 10.42 -25.72 3.83
C LEU B 168 9.14 -25.69 4.66
N LEU B 169 7.98 -25.83 4.02
CA LEU B 169 6.74 -25.84 4.80
C LEU B 169 6.67 -27.03 5.75
N ASP B 170 7.22 -28.18 5.32
CA ASP B 170 7.36 -29.32 6.21
C ASP B 170 8.21 -28.96 7.41
N ALA B 171 9.22 -28.11 7.21
CA ALA B 171 9.98 -27.62 8.37
C ALA B 171 9.06 -26.85 9.33
N VAL B 172 8.28 -25.90 8.80
CA VAL B 172 7.40 -25.11 9.68
C VAL B 172 6.38 -25.99 10.39
N ASP B 173 6.04 -27.13 9.79
CA ASP B 173 4.98 -27.97 10.32
C ASP B 173 5.28 -28.41 11.75
N ALA B 174 6.54 -28.71 12.06
CA ALA B 174 6.85 -29.19 13.41
C ALA B 174 6.65 -28.09 14.45
N TRP B 175 6.87 -26.83 14.09
CA TRP B 175 6.60 -25.73 15.00
C TRP B 175 5.11 -25.58 15.23
N MET B 176 4.31 -25.84 14.19
CA MET B 176 2.88 -25.62 14.34
C MET B 176 2.15 -26.77 15.05
N MET B 177 2.72 -28.00 15.03
CA MET B 177 2.05 -29.18 15.56
C MET B 177 2.61 -29.64 16.90
N GLN B 178 3.48 -28.86 17.53
CA GLN B 178 3.98 -29.20 18.86
C GLN B 178 2.86 -29.06 19.88
N PRO B 179 3.02 -29.62 21.10
CA PRO B 179 1.88 -29.66 22.03
C PRO B 179 1.25 -28.30 22.29
N VAL B 180 2.05 -27.25 22.46
CA VAL B 180 1.51 -25.90 22.67
C VAL B 180 1.92 -25.04 21.49
N PRO B 181 1.07 -24.89 20.49
CA PRO B 181 1.45 -24.21 19.26
C PRO B 181 1.65 -22.73 19.48
N PRO B 182 2.27 -22.05 18.52
CA PRO B 182 2.38 -20.59 18.58
C PRO B 182 1.00 -19.95 18.67
N ARG B 183 0.84 -18.98 19.57
CA ARG B 183 -0.41 -18.25 19.62
C ARG B 183 -0.51 -17.27 18.45
N ASN B 184 0.56 -16.51 18.18
CA ASN B 184 0.62 -15.70 16.96
C ASN B 184 1.52 -16.40 15.95
N PHE B 185 1.17 -16.31 14.66
CA PHE B 185 2.08 -16.79 13.63
C PHE B 185 1.90 -16.00 12.35
N VAL B 186 2.99 -15.84 11.61
CA VAL B 186 3.01 -15.21 10.29
C VAL B 186 3.86 -16.13 9.41
N ILE B 187 3.23 -16.82 8.47
CA ILE B 187 3.90 -17.86 7.70
C ILE B 187 3.78 -17.54 6.22
N LYS B 188 4.91 -17.23 5.60
CA LYS B 188 4.96 -17.01 4.16
C LYS B 188 4.72 -18.34 3.45
N ILE B 189 3.83 -18.34 2.47
CA ILE B 189 3.57 -19.50 1.64
C ILE B 189 4.02 -19.16 0.23
N GLN B 190 5.23 -19.57 -0.13
CA GLN B 190 5.79 -19.19 -1.42
C GLN B 190 4.96 -19.74 -2.57
N VAL B 191 4.51 -20.99 -2.45
CA VAL B 191 3.81 -21.70 -3.50
C VAL B 191 2.57 -22.34 -2.89
N PRO B 192 1.44 -21.64 -2.83
CA PRO B 192 0.30 -22.10 -2.02
C PRO B 192 -0.64 -23.06 -2.72
N TYR B 193 -0.35 -23.46 -3.96
CA TYR B 193 -1.28 -24.30 -4.69
C TYR B 193 -0.84 -25.76 -4.76
N THR B 194 0.28 -26.12 -4.14
CA THR B 194 0.63 -27.54 -4.06
C THR B 194 -0.34 -28.27 -3.13
N GLN B 195 -0.48 -29.57 -3.36
CA GLN B 195 -1.36 -30.36 -2.49
C GLN B 195 -0.82 -30.38 -1.06
N LYS B 196 0.50 -30.33 -0.90
CA LYS B 196 1.08 -30.37 0.43
C LYS B 196 0.85 -29.05 1.16
N ALA B 197 0.98 -27.91 0.45
CA ALA B 197 0.75 -26.62 1.10
C ALA B 197 -0.69 -26.50 1.58
N ILE B 198 -1.65 -26.83 0.71
CA ILE B 198 -3.07 -26.79 1.08
C ILE B 198 -3.35 -27.74 2.25
N ALA B 199 -2.86 -28.98 2.18
CA ALA B 199 -3.08 -29.94 3.27
C ALA B 199 -2.49 -29.43 4.59
N LEU B 200 -1.31 -28.83 4.52
CA LEU B 200 -0.64 -28.33 5.71
C LEU B 200 -1.40 -27.16 6.31
N LEU B 201 -1.93 -26.29 5.45
CA LEU B 201 -2.68 -25.14 5.94
C LEU B 201 -3.98 -25.57 6.62
N GLU B 202 -4.71 -26.50 5.98
CA GLU B 202 -5.97 -26.98 6.57
C GLU B 202 -5.71 -27.71 7.90
N LYS B 203 -4.59 -28.42 7.98
CA LYS B 203 -4.22 -29.07 9.22
C LYS B 203 -3.87 -28.05 10.31
N TRP B 204 -3.12 -27.00 9.96
CA TRP B 204 -2.82 -25.96 10.94
C TRP B 204 -4.08 -25.26 11.41
N GLN B 205 -5.08 -25.15 10.54
CA GLN B 205 -6.35 -24.59 11.01
C GLN B 205 -7.03 -25.52 12.01
N VAL B 206 -6.93 -26.84 11.80
CA VAL B 206 -7.54 -27.74 12.79
C VAL B 206 -6.74 -27.70 14.08
N LYS B 207 -5.42 -27.66 14.00
CA LYS B 207 -4.58 -27.65 15.19
C LYS B 207 -4.81 -26.39 16.02
N THR B 208 -4.84 -25.22 15.39
CA THR B 208 -4.87 -23.97 16.15
C THR B 208 -6.25 -23.38 16.31
N GLY B 209 -7.25 -23.83 15.54
CA GLY B 209 -8.52 -23.13 15.48
C GLY B 209 -8.46 -21.74 14.89
N LYS B 210 -7.39 -21.38 14.17
CA LYS B 210 -7.27 -20.04 13.59
C LYS B 210 -6.61 -20.13 12.22
N GLY B 211 -6.57 -18.98 11.55
CA GLY B 211 -5.68 -18.90 10.42
C GLY B 211 -6.42 -18.42 9.20
N ARG B 212 -5.83 -17.43 8.52
CA ARG B 212 -6.33 -16.93 7.26
C ARG B 212 -5.16 -16.75 6.32
N LEU B 213 -5.31 -17.22 5.09
CA LEU B 213 -4.32 -17.00 4.04
C LEU B 213 -4.65 -15.71 3.28
N VAL B 214 -3.68 -14.78 3.20
CA VAL B 214 -3.93 -13.52 2.49
C VAL B 214 -2.92 -13.35 1.35
N ARG B 215 -3.36 -12.62 0.32
CA ARG B 215 -2.48 -12.08 -0.70
C ARG B 215 -2.39 -10.57 -0.50
N LEU B 216 -1.19 -10.06 -0.25
CA LEU B 216 -1.01 -8.62 -0.06
C LEU B 216 -1.16 -7.87 -1.38
N ALA B 217 -1.94 -6.79 -1.36
CA ALA B 217 -1.97 -5.87 -2.49
C ALA B 217 -0.58 -5.27 -2.70
N GLY B 218 -0.17 -5.17 -3.94
CA GLY B 218 1.12 -4.58 -4.24
C GLY B 218 2.30 -5.54 -4.18
N ASP B 219 2.09 -6.82 -3.91
CA ASP B 219 3.17 -7.79 -4.08
C ASP B 219 3.44 -7.98 -5.56
N ARG B 220 4.69 -8.30 -5.88
CA ARG B 220 5.08 -8.55 -7.26
C ARG B 220 4.18 -9.61 -7.89
N LEU B 221 3.68 -9.32 -9.09
CA LEU B 221 2.91 -10.32 -9.79
C LEU B 221 3.76 -11.48 -10.27
N SER B 222 5.09 -11.35 -10.20
CA SER B 222 5.99 -12.38 -10.65
C SER B 222 6.16 -13.52 -9.65
N ASN B 223 5.54 -13.44 -8.48
CA ASN B 223 5.52 -14.56 -7.53
C ASN B 223 4.08 -14.92 -7.18
N THR B 224 3.93 -15.98 -6.38
CA THR B 224 2.61 -16.46 -5.97
C THR B 224 2.47 -16.38 -4.46
N VAL B 225 3.17 -15.44 -3.84
CA VAL B 225 3.36 -15.45 -2.39
C VAL B 225 2.05 -15.11 -1.69
N MET B 226 1.71 -15.90 -0.68
CA MET B 226 0.63 -15.58 0.24
C MET B 226 1.15 -15.69 1.67
N TYR B 227 0.41 -15.11 2.61
CA TYR B 227 0.78 -15.18 4.02
C TYR B 227 -0.36 -15.80 4.83
N PHE B 228 0.00 -16.74 5.70
CA PHE B 228 -0.96 -17.41 6.60
C PHE B 228 -0.84 -16.76 7.97
N LEU B 229 -1.91 -16.11 8.41
CA LEU B 229 -1.89 -15.22 9.57
C LEU B 229 -2.83 -15.75 10.65
N SER B 230 -2.41 -15.61 11.89
CA SER B 230 -3.19 -16.11 13.01
C SER B 230 -4.34 -15.17 13.38
N VAL B 231 -5.16 -14.79 12.41
CA VAL B 231 -6.40 -14.05 12.67
C VAL B 231 -7.53 -15.06 12.70
N ARG B 232 -8.77 -14.60 12.82
CA ARG B 232 -9.90 -15.52 12.92
C ARG B 232 -9.93 -16.47 11.73
N LEU B 233 -10.25 -17.73 12.01
CA LEU B 233 -10.38 -18.79 11.01
C LEU B 233 -11.03 -18.29 9.73
N GLU B 234 -10.42 -18.61 8.60
CA GLU B 234 -11.07 -18.47 7.30
C GLU B 234 -10.79 -19.76 6.53
N THR B 235 -11.83 -20.56 6.30
CA THR B 235 -11.69 -21.91 5.77
C THR B 235 -11.82 -21.91 4.25
N GLN B 236 -12.00 -23.10 3.65
CA GLN B 236 -12.05 -23.28 2.20
C GLN B 236 -10.79 -22.74 1.52
N ILE B 237 -9.64 -23.13 2.07
CA ILE B 237 -8.37 -22.61 1.58
C ILE B 237 -8.11 -23.05 0.14
N ARG B 238 -8.53 -24.27 -0.22
CA ARG B 238 -8.35 -24.73 -1.59
C ARG B 238 -9.05 -23.81 -2.59
N GLY B 239 -10.33 -23.53 -2.35
CA GLY B 239 -11.07 -22.66 -3.26
C GLY B 239 -10.51 -21.25 -3.31
N ARG B 240 -10.05 -20.73 -2.17
CA ARG B 240 -9.49 -19.37 -2.13
C ARG B 240 -8.14 -19.29 -2.82
N VAL B 241 -7.35 -20.36 -2.78
CA VAL B 241 -6.13 -20.40 -3.56
C VAL B 241 -6.45 -20.49 -5.04
N THR B 242 -7.48 -21.27 -5.40
CA THR B 242 -7.88 -21.35 -6.80
C THR B 242 -8.25 -19.97 -7.32
N THR B 243 -9.04 -19.23 -6.53
CA THR B 243 -9.39 -17.88 -6.90
C THR B 243 -8.13 -17.03 -7.00
N PHE B 244 -7.20 -17.20 -6.06
CA PHE B 244 -5.98 -16.39 -6.10
C PHE B 244 -5.22 -16.62 -7.39
N VAL B 245 -5.02 -17.88 -7.77
CA VAL B 245 -4.22 -18.19 -8.94
C VAL B 245 -4.92 -17.75 -10.22
N ARG B 246 -6.23 -17.98 -10.30
CA ARG B 246 -6.97 -17.54 -11.49
C ARG B 246 -6.88 -16.02 -11.66
N GLU B 247 -7.14 -15.28 -10.60
CA GLU B 247 -7.02 -13.82 -10.65
C GLU B 247 -5.58 -13.39 -10.96
N LEU B 248 -4.58 -14.05 -10.35
CA LEU B 248 -3.19 -13.67 -10.60
C LEU B 248 -2.86 -13.83 -12.07
N ALA B 249 -3.25 -14.96 -12.67
CA ALA B 249 -3.02 -15.17 -14.10
C ALA B 249 -3.69 -14.08 -14.92
N GLU B 250 -4.94 -13.71 -14.56
CA GLU B 250 -5.63 -12.66 -15.31
C GLU B 250 -4.92 -11.32 -15.21
N ARG B 251 -4.41 -11.00 -14.03
CA ARG B 251 -3.68 -9.75 -13.90
C ARG B 251 -2.31 -9.80 -14.57
N ARG B 252 -1.64 -10.96 -14.57
CA ARG B 252 -0.40 -11.12 -15.33
C ARG B 252 -0.64 -10.85 -16.81
N LYS B 253 -1.70 -11.43 -17.37
CA LYS B 253 -2.01 -11.15 -18.76
C LYS B 253 -2.37 -9.68 -18.96
N ASP B 254 -3.09 -9.06 -18.04
CA ASP B 254 -3.40 -7.66 -18.21
C ASP B 254 -2.16 -6.77 -18.22
N ARG B 255 -1.26 -6.99 -17.29
CA ARG B 255 -0.04 -6.22 -17.19
C ARG B 255 0.96 -6.41 -18.31
N SER B 256 1.11 -7.63 -18.76
CA SER B 256 2.03 -8.00 -19.79
C SER B 256 1.67 -7.55 -21.18
N LEU B 257 0.39 -7.38 -21.43
CA LEU B 257 -0.06 -7.04 -22.75
C LEU B 257 -0.18 -5.59 -23.12
N THR B 258 0.44 -5.23 -24.23
CA THR B 258 0.27 -3.88 -24.74
C THR B 258 -1.11 -3.79 -25.39
N ALA B 259 -1.95 -2.88 -24.91
CA ALA B 259 -3.25 -2.62 -25.51
C ALA B 259 -3.12 -1.63 -26.66
N ASP B 260 -4.22 -1.41 -27.39
CA ASP B 260 -4.24 -0.54 -28.55
C ASP B 260 -5.56 0.23 -28.60
N PRO B 261 -5.56 1.46 -29.20
CA PRO B 261 -6.83 2.20 -29.32
C PRO B 261 -7.84 1.53 -30.25
N SER B 262 -7.47 1.37 -31.51
CA SER B 262 -8.29 0.71 -32.53
C SER B 262 -9.69 1.35 -32.68
#